data_6E0L
#
_entry.id   6E0L
#
_cell.length_a   51.647
_cell.length_b   65.652
_cell.length_c   88.855
_cell.angle_alpha   90.00
_cell.angle_beta   90.00
_cell.angle_gamma   90.00
#
_symmetry.space_group_name_H-M   'P 21 21 21'
#
loop_
_entity.id
_entity.type
_entity.pdbx_description
1 polymer 'cGAS/DncV-like nucleotidyltransferase in E. coli homolog'
2 non-polymer 'MAGNESIUM ION'
3 non-polymer 'DIPHOSPHOMETHYLPHOSPHONIC ACID ADENOSYL ESTER'
4 non-polymer "5'-O-[(S)-hydroxy{[(S)-hydroxy(phosphonooxy)phosphoryl]amino}phosphoryl]uridine"
5 water water
#
_entity_poly.entity_id   1
_entity_poly.type   'polypeptide(L)'
_entity_poly.pdbx_seq_one_letter_code
;MPVPESQLERWSHQGATTTAKKTHESIRAALDRYKWPKGKPEVYLQGSYKNSTNIRGDSDVDVVVQLNSVFMNNLTAEQK
RRFGFVKSDYTWNDFYSDVERALTDYYGASKVRRGRKTLKVETTYLPADVVVCIQYRKYPPNRKSEDDYIEGMTFYVPSE
DRWVVNYPKLHYENGAAKNQQTNEWYKPTIRMFKNARTYLIEQGAPQDLAPSYFLECLLYNVPDSKFGGTFKDTFCSVIN
WLKRADLSKFRCQNGQDDLFGEFPEQWSEEKARRFLRYMDDLWTGWGQGSHHHHHH
;
_entity_poly.pdbx_strand_id   A
#
loop_
_chem_comp.id
_chem_comp.type
_chem_comp.name
_chem_comp.formula
2KH non-polymer 5'-O-[(S)-hydroxy{[(S)-hydroxy(phosphonooxy)phosphoryl]amino}phosphoryl]uridine 'C9 H16 N3 O14 P3'
APC non-polymer 'DIPHOSPHOMETHYLPHOSPHONIC ACID ADENOSYL ESTER' 'C11 H18 N5 O12 P3'
MG non-polymer 'MAGNESIUM ION' 'Mg 2'
#
# COMPACT_ATOMS: atom_id res chain seq x y z
N PRO A 2 4.57 -11.39 -28.58
CA PRO A 2 5.29 -10.65 -27.53
C PRO A 2 5.12 -9.13 -27.65
N VAL A 3 5.36 -8.42 -26.55
CA VAL A 3 5.30 -6.96 -26.50
C VAL A 3 6.68 -6.37 -26.76
N PRO A 4 6.80 -5.37 -27.63
CA PRO A 4 8.10 -4.73 -27.87
C PRO A 4 8.73 -4.19 -26.59
N GLU A 5 10.06 -4.28 -26.52
CA GLU A 5 10.81 -3.82 -25.36
C GLU A 5 10.57 -2.33 -25.09
N SER A 6 10.55 -1.51 -26.14
CA SER A 6 10.35 -0.08 -25.97
C SER A 6 8.97 0.21 -25.41
N GLN A 7 7.98 -0.61 -25.77
CA GLN A 7 6.66 -0.45 -25.17
C GLN A 7 6.68 -0.82 -23.69
N LEU A 8 7.32 -1.93 -23.35
CA LEU A 8 7.45 -2.31 -21.96
C LEU A 8 8.26 -1.28 -21.18
N GLU A 9 9.29 -0.73 -21.81
CA GLU A 9 10.12 0.26 -21.14
C GLU A 9 9.32 1.53 -20.86
N ARG A 10 8.50 1.95 -21.83
CA ARG A 10 7.61 3.09 -21.60
C ARG A 10 6.67 2.82 -20.43
N TRP A 11 6.11 1.61 -20.39
CA TRP A 11 5.23 1.26 -19.30
C TRP A 11 5.94 1.24 -17.95
N SER A 12 7.26 1.08 -17.93
CA SER A 12 7.99 1.09 -16.68
C SER A 12 8.22 2.50 -16.13
N HIS A 13 7.88 3.56 -16.87
CA HIS A 13 8.20 4.90 -16.41
C HIS A 13 7.41 5.27 -15.16
N GLN A 14 8.06 6.06 -14.29
CA GLN A 14 7.38 6.57 -13.12
C GLN A 14 6.75 7.92 -13.43
N GLY A 15 5.53 8.12 -12.93
CA GLY A 15 4.93 9.43 -12.94
C GLY A 15 5.69 10.41 -12.07
N ALA A 16 5.47 11.70 -12.31
CA ALA A 16 6.12 12.72 -11.51
C ALA A 16 5.66 12.60 -10.06
N THR A 17 6.55 12.97 -9.14
CA THR A 17 6.26 12.88 -7.72
C THR A 17 6.33 14.22 -7.00
N THR A 18 6.68 15.29 -7.73
CA THR A 18 6.88 16.60 -7.11
C THR A 18 5.60 17.09 -6.46
N THR A 19 4.48 16.96 -7.17
CA THR A 19 3.21 17.44 -6.66
C THR A 19 2.75 16.60 -5.48
N ALA A 20 3.05 15.31 -5.52
CA ALA A 20 2.74 14.44 -4.40
C ALA A 20 3.54 14.81 -3.15
N LYS A 21 4.84 15.14 -3.31
CA LYS A 21 5.61 15.56 -2.14
C LYS A 21 5.06 16.83 -1.54
N LYS A 22 4.65 17.79 -2.38
CA LYS A 22 4.06 18.99 -1.83
C LYS A 22 2.71 18.70 -1.17
N THR A 23 1.98 17.70 -1.65
CA THR A 23 0.76 17.30 -0.97
C THR A 23 1.06 16.82 0.44
N HIS A 24 2.07 15.95 0.56
CA HIS A 24 2.55 15.45 1.85
C HIS A 24 3.01 16.61 2.75
N GLU A 25 3.82 17.51 2.19
CA GLU A 25 4.32 18.64 2.96
C GLU A 25 3.18 19.54 3.41
N SER A 26 2.13 19.65 2.60
CA SER A 26 0.96 20.44 2.97
C SER A 26 0.24 19.84 4.17
N ILE A 27 -0.05 18.53 4.13
CA ILE A 27 -0.67 17.84 5.27
C ILE A 27 0.16 18.00 6.53
N ARG A 28 1.47 17.80 6.39
CA ARG A 28 2.36 17.95 7.53
C ARG A 28 2.28 19.35 8.11
N ALA A 29 2.25 20.38 7.23
CA ALA A 29 2.20 21.76 7.72
C ALA A 29 0.87 22.02 8.44
N ALA A 30 -0.23 21.43 7.96
CA ALA A 30 -1.49 21.60 8.67
C ALA A 30 -1.40 21.05 10.08
N LEU A 31 -0.80 19.87 10.23
CA LEU A 31 -0.72 19.25 11.54
C LEU A 31 0.33 19.93 12.44
N ASP A 32 1.38 20.51 11.84
CA ASP A 32 2.37 21.24 12.62
C ASP A 32 1.77 22.45 13.30
N ARG A 33 0.69 23.00 12.72
CA ARG A 33 0.04 24.19 13.26
C ARG A 33 -0.91 23.90 14.41
N TYR A 34 -1.25 22.65 14.63
CA TYR A 34 -2.22 22.30 15.64
C TYR A 34 -1.53 22.09 16.97
N LYS A 35 -2.26 22.37 18.04
CA LYS A 35 -1.74 22.14 19.38
C LYS A 35 -2.22 20.77 19.81
N TRP A 36 -1.29 19.83 19.96
CA TRP A 36 -1.66 18.45 20.20
C TRP A 36 -1.74 18.18 21.70
N PRO A 37 -2.87 17.69 22.22
CA PRO A 37 -3.01 17.53 23.67
C PRO A 37 -2.31 16.31 24.24
N LYS A 38 -2.07 15.27 23.45
CA LYS A 38 -1.61 13.98 23.97
C LYS A 38 -0.60 13.32 23.05
N GLY A 39 0.28 14.11 22.46
CA GLY A 39 1.28 13.57 21.57
C GLY A 39 1.11 14.04 20.15
N LYS A 40 2.17 14.37 19.56
CA LYS A 40 2.13 14.81 18.18
C LYS A 40 2.32 13.62 17.26
N PRO A 41 1.43 13.40 16.30
CA PRO A 41 1.55 12.22 15.45
C PRO A 41 2.66 12.39 14.44
N GLU A 42 3.17 11.28 13.93
CA GLU A 42 4.07 11.38 12.80
C GLU A 42 3.24 11.33 11.52
N VAL A 43 3.79 11.91 10.47
CA VAL A 43 3.14 12.01 9.17
C VAL A 43 4.08 11.49 8.12
N TYR A 44 3.69 10.44 7.42
CA TYR A 44 4.53 9.89 6.37
C TYR A 44 3.65 9.43 5.23
N LEU A 45 4.27 9.21 4.07
CA LEU A 45 3.53 8.74 2.92
C LEU A 45 3.53 7.23 2.90
N GLN A 46 2.48 6.67 2.32
CA GLN A 46 2.48 5.26 1.98
C GLN A 46 2.02 5.18 0.54
N GLY A 47 1.76 3.99 0.02
CA GLY A 47 1.20 3.89 -1.33
C GLY A 47 2.25 4.11 -2.41
N SER A 48 1.76 4.32 -3.63
CA SER A 48 2.62 4.29 -4.81
C SER A 48 3.67 5.38 -4.77
N TYR A 49 3.31 6.58 -4.34
CA TYR A 49 4.29 7.65 -4.32
C TYR A 49 5.42 7.31 -3.34
N LYS A 50 5.06 6.82 -2.16
CA LYS A 50 6.07 6.41 -1.20
C LYS A 50 6.94 5.30 -1.79
N ASN A 51 6.32 4.35 -2.47
CA ASN A 51 7.04 3.17 -2.92
C ASN A 51 7.60 3.32 -4.33
N SER A 52 7.52 4.52 -4.92
CA SER A 52 8.03 4.80 -6.25
C SER A 52 7.38 3.90 -7.31
N THR A 53 6.12 3.51 -7.10
CA THR A 53 5.39 2.72 -8.07
C THR A 53 4.24 3.47 -8.72
N ASN A 54 4.18 4.79 -8.55
CA ASN A 54 3.13 5.57 -9.20
C ASN A 54 3.38 5.63 -10.70
N ILE A 55 2.35 5.33 -11.49
CA ILE A 55 2.45 5.40 -12.95
C ILE A 55 1.92 6.71 -13.52
N ARG A 56 1.28 7.55 -12.70
CA ARG A 56 0.88 8.90 -13.05
C ARG A 56 1.45 9.87 -12.03
N GLY A 57 1.34 11.15 -12.33
CA GLY A 57 1.74 12.16 -11.38
C GLY A 57 0.56 12.87 -10.76
N ASP A 58 -0.66 12.43 -11.04
CA ASP A 58 -1.86 13.11 -10.57
C ASP A 58 -2.77 12.17 -9.80
N SER A 59 -2.28 10.99 -9.40
CA SER A 59 -3.14 10.12 -8.62
C SER A 59 -3.13 10.58 -7.16
N ASP A 60 -4.15 10.16 -6.42
CA ASP A 60 -4.28 10.56 -5.03
C ASP A 60 -3.08 10.14 -4.19
N VAL A 61 -2.78 10.97 -3.18
CA VAL A 61 -1.63 10.79 -2.33
C VAL A 61 -2.10 10.07 -1.07
N ASP A 62 -1.42 8.99 -0.72
CA ASP A 62 -1.74 8.18 0.46
C ASP A 62 -0.91 8.63 1.66
N VAL A 63 -1.53 9.29 2.64
CA VAL A 63 -0.80 9.85 3.77
C VAL A 63 -1.20 9.09 5.04
N VAL A 64 -0.20 8.79 5.88
CA VAL A 64 -0.45 8.13 7.16
C VAL A 64 -0.16 9.13 8.27
N VAL A 65 -1.13 9.31 9.17
CA VAL A 65 -0.99 10.15 10.35
C VAL A 65 -1.08 9.22 11.55
N GLN A 66 0.05 8.97 12.20
CA GLN A 66 0.15 7.86 13.15
C GLN A 66 0.49 8.40 14.52
N LEU A 67 -0.34 8.10 15.50
CA LEU A 67 -0.06 8.47 16.88
C LEU A 67 0.85 7.43 17.51
N ASN A 68 1.94 7.89 18.11
CA ASN A 68 2.89 6.98 18.74
C ASN A 68 3.00 7.17 20.25
N SER A 69 2.25 8.12 20.83
CA SER A 69 2.32 8.29 22.27
C SER A 69 1.53 7.18 22.96
N VAL A 70 0.65 6.51 22.22
CA VAL A 70 -0.05 5.37 22.79
C VAL A 70 -0.03 4.29 21.72
N PHE A 71 -0.33 3.05 22.13
CA PHE A 71 -0.29 1.96 21.18
C PHE A 71 -1.35 0.94 21.56
N MET A 72 -2.01 0.41 20.55
CA MET A 72 -2.83 -0.78 20.64
C MET A 72 -1.91 -1.99 20.43
N ASN A 73 -2.40 -3.18 20.73
CA ASN A 73 -1.55 -4.36 20.81
C ASN A 73 -2.41 -5.62 20.86
N ASN A 74 -1.76 -6.77 20.84
CA ASN A 74 -2.44 -8.06 20.94
C ASN A 74 -2.26 -8.75 22.29
N LEU A 75 -1.89 -8.00 23.31
CA LEU A 75 -1.62 -8.52 24.64
C LEU A 75 -2.90 -8.83 25.42
N THR A 76 -2.83 -9.83 26.28
CA THR A 76 -3.90 -10.03 27.26
C THR A 76 -3.71 -9.04 28.42
N ALA A 77 -4.74 -8.91 29.25
CA ALA A 77 -4.65 -8.03 30.41
C ALA A 77 -3.48 -8.39 31.33
N GLU A 78 -3.23 -9.68 31.54
CA GLU A 78 -2.11 -10.09 32.39
C GLU A 78 -0.78 -9.74 31.75
N GLN A 79 -0.66 -9.93 30.44
CA GLN A 79 0.58 -9.59 29.75
C GLN A 79 0.85 -8.10 29.78
N LYS A 80 -0.19 -7.27 29.63
CA LYS A 80 -0.02 -5.83 29.74
C LYS A 80 0.50 -5.47 31.12
N ARG A 81 -0.06 -6.11 32.15
CA ARG A 81 0.38 -5.90 33.53
C ARG A 81 1.84 -6.25 33.68
N ARG A 82 2.27 -7.39 33.14
CA ARG A 82 3.66 -7.78 33.29
C ARG A 82 4.59 -6.75 32.67
N PHE A 83 4.11 -6.05 31.64
CA PHE A 83 4.94 -5.06 31.00
C PHE A 83 4.82 -3.67 31.61
N GLY A 84 3.93 -3.49 32.59
CA GLY A 84 3.76 -2.19 33.17
C GLY A 84 3.00 -1.19 32.33
N PHE A 85 2.14 -1.65 31.42
CA PHE A 85 1.42 -0.74 30.56
C PHE A 85 0.17 -0.24 31.27
N VAL A 86 -0.24 0.99 30.99
CA VAL A 86 -1.47 1.46 31.59
C VAL A 86 -2.38 1.88 30.46
N LYS A 87 -3.67 2.01 30.78
CA LYS A 87 -4.63 2.38 29.75
C LYS A 87 -4.51 3.87 29.44
N SER A 88 -4.45 4.19 28.17
CA SER A 88 -4.62 5.55 27.68
C SER A 88 -6.08 5.99 27.69
N ASP A 89 -6.34 7.16 28.24
CA ASP A 89 -7.67 7.73 28.17
C ASP A 89 -7.89 8.46 26.84
N TYR A 90 -6.85 8.60 26.02
CA TYR A 90 -6.94 9.23 24.72
C TYR A 90 -7.12 8.11 23.72
N THR A 91 -8.25 8.12 23.03
CA THR A 91 -8.68 7.03 22.17
C THR A 91 -8.37 7.34 20.71
N TRP A 92 -8.51 6.31 19.88
CA TRP A 92 -8.42 6.50 18.44
C TRP A 92 -9.44 7.52 17.98
N ASN A 93 -10.65 7.45 18.54
CA ASN A 93 -11.69 8.43 18.21
C ASN A 93 -11.27 9.86 18.55
N ASP A 94 -10.72 10.08 19.75
CA ASP A 94 -10.22 11.42 20.10
C ASP A 94 -9.16 11.89 19.12
N PHE A 95 -8.19 11.02 18.83
CA PHE A 95 -7.10 11.38 17.93
C PHE A 95 -7.65 11.75 16.57
N TYR A 96 -8.58 10.94 16.06
CA TYR A 96 -9.24 11.24 14.77
C TYR A 96 -9.87 12.61 14.81
N SER A 97 -10.58 12.92 15.90
CA SER A 97 -11.22 14.22 16.00
C SER A 97 -10.18 15.35 16.03
N ASP A 98 -9.03 15.13 16.67
CA ASP A 98 -7.98 16.13 16.67
C ASP A 98 -7.37 16.30 15.28
N VAL A 99 -7.10 15.19 14.57
CA VAL A 99 -6.55 15.28 13.22
C VAL A 99 -7.53 16.01 12.31
N GLU A 100 -8.81 15.65 12.38
CA GLU A 100 -9.83 16.30 11.57
C GLU A 100 -9.90 17.79 11.87
N ARG A 101 -9.82 18.17 13.14
CA ARG A 101 -9.86 19.60 13.48
C ARG A 101 -8.66 20.31 12.90
N ALA A 102 -7.48 19.70 13.00
CA ALA A 102 -6.27 20.33 12.47
C ALA A 102 -6.39 20.53 10.97
N LEU A 103 -6.87 19.52 10.24
CA LEU A 103 -6.98 19.66 8.80
C LEU A 103 -8.03 20.69 8.44
N THR A 104 -9.18 20.67 9.13
CA THR A 104 -10.24 21.63 8.89
C THR A 104 -9.79 23.06 9.18
N ASP A 105 -9.06 23.27 10.28
CA ASP A 105 -8.57 24.62 10.58
C ASP A 105 -7.70 25.14 9.45
N TYR A 106 -6.88 24.26 8.87
CA TYR A 106 -5.91 24.71 7.89
C TYR A 106 -6.52 24.85 6.49
N TYR A 107 -7.25 23.83 6.03
CA TYR A 107 -7.78 23.81 4.66
C TYR A 107 -9.18 24.38 4.50
N GLY A 108 -9.95 24.43 5.56
CA GLY A 108 -11.36 24.82 5.53
C GLY A 108 -12.24 23.60 5.54
N ALA A 109 -13.42 23.73 6.17
CA ALA A 109 -14.33 22.58 6.30
C ALA A 109 -14.71 21.97 4.96
N SER A 110 -14.85 22.79 3.92
CA SER A 110 -15.31 22.26 2.64
C SER A 110 -14.28 21.36 1.96
N LYS A 111 -13.03 21.35 2.44
CA LYS A 111 -11.95 20.60 1.80
C LYS A 111 -11.59 19.33 2.56
N VAL A 112 -12.25 19.05 3.67
CA VAL A 112 -11.90 17.94 4.53
C VAL A 112 -13.21 17.20 4.77
N ARG A 113 -13.21 15.90 4.51
CA ARG A 113 -14.43 15.13 4.67
C ARG A 113 -14.06 13.74 5.15
N ARG A 114 -14.98 13.11 5.90
CA ARG A 114 -14.72 11.81 6.49
C ARG A 114 -15.07 10.74 5.47
N GLY A 115 -14.12 9.87 5.15
CA GLY A 115 -14.38 8.71 4.32
C GLY A 115 -14.55 7.47 5.20
N ARG A 116 -14.77 6.34 4.53
CA ARG A 116 -14.98 5.07 5.22
C ARG A 116 -13.80 4.69 6.10
N LYS A 117 -12.58 4.83 5.57
CA LYS A 117 -11.38 4.41 6.27
C LYS A 117 -10.38 5.54 6.44
N THR A 118 -10.64 6.69 5.86
CA THR A 118 -9.67 7.78 5.80
C THR A 118 -10.38 9.10 5.96
N LEU A 119 -9.59 10.14 6.18
CA LEU A 119 -10.03 11.51 6.03
C LEU A 119 -9.56 11.90 4.64
N LYS A 120 -10.47 12.43 3.83
CA LYS A 120 -10.13 12.85 2.48
C LYS A 120 -9.93 14.37 2.47
N VAL A 121 -8.82 14.81 1.92
CA VAL A 121 -8.47 16.22 1.95
C VAL A 121 -8.13 16.70 0.54
N GLU A 122 -8.81 17.74 0.09
CA GLU A 122 -8.46 18.42 -1.17
C GLU A 122 -7.46 19.50 -0.80
N THR A 123 -6.20 19.28 -1.12
CA THR A 123 -5.18 20.28 -0.90
C THR A 123 -5.05 21.17 -2.15
N THR A 124 -4.17 22.16 -2.08
CA THR A 124 -3.92 22.94 -3.28
C THR A 124 -3.01 22.22 -4.25
N TYR A 125 -2.57 21.00 -3.92
CA TYR A 125 -1.75 20.21 -4.81
C TYR A 125 -2.59 19.05 -5.29
N LEU A 126 -2.45 17.86 -4.72
CA LEU A 126 -3.29 16.73 -5.08
C LEU A 126 -4.23 16.37 -3.95
N PRO A 127 -5.28 15.58 -4.24
CA PRO A 127 -6.10 15.05 -3.16
C PRO A 127 -5.29 14.08 -2.33
N ALA A 128 -5.52 14.11 -1.01
CA ALA A 128 -4.84 13.26 -0.06
C ALA A 128 -5.84 12.31 0.58
N ASP A 129 -5.45 11.05 0.71
CA ASP A 129 -6.21 10.06 1.46
C ASP A 129 -5.45 9.83 2.76
N VAL A 130 -5.99 10.35 3.85
CA VAL A 130 -5.23 10.44 5.10
C VAL A 130 -5.75 9.32 6.00
N VAL A 131 -4.89 8.37 6.32
CA VAL A 131 -5.24 7.31 7.26
C VAL A 131 -4.86 7.74 8.66
N VAL A 132 -5.85 7.88 9.54
CA VAL A 132 -5.63 8.24 10.93
C VAL A 132 -5.53 6.94 11.71
N CYS A 133 -4.40 6.74 12.38
CA CYS A 133 -4.17 5.42 12.94
C CYS A 133 -3.39 5.57 14.22
N ILE A 134 -3.35 4.49 14.98
CA ILE A 134 -2.58 4.43 16.21
C ILE A 134 -1.52 3.35 16.04
N GLN A 135 -0.34 3.58 16.61
CA GLN A 135 0.68 2.55 16.59
C GLN A 135 0.11 1.23 17.09
N TYR A 136 0.44 0.15 16.40
CA TYR A 136 0.06 -1.20 16.78
C TYR A 136 1.29 -2.04 17.03
N ARG A 137 1.31 -2.76 18.17
CA ARG A 137 2.41 -3.64 18.50
C ARG A 137 1.91 -5.07 18.47
N LYS A 138 2.51 -5.86 17.58
CA LYS A 138 2.26 -7.29 17.45
C LYS A 138 3.32 -8.04 18.22
N TYR A 139 2.91 -8.67 19.35
CA TYR A 139 3.86 -9.37 20.18
C TYR A 139 3.86 -10.83 19.76
N PRO A 140 4.95 -11.55 20.01
CA PRO A 140 5.05 -12.98 19.68
C PRO A 140 4.24 -13.83 20.64
N PRO A 141 3.98 -15.11 20.30
CA PRO A 141 3.14 -15.94 21.19
C PRO A 141 3.70 -16.15 22.58
N ASN A 142 5.01 -16.26 22.76
CA ASN A 142 5.55 -16.27 24.11
C ASN A 142 5.93 -14.82 24.39
N ARG A 143 5.12 -14.15 25.21
CA ARG A 143 5.27 -12.72 25.42
C ARG A 143 6.10 -12.63 26.68
N LYS A 144 7.37 -12.27 26.51
CA LYS A 144 8.27 -12.21 27.65
C LYS A 144 8.99 -10.89 27.73
N SER A 145 9.31 -10.23 26.62
CA SER A 145 10.05 -8.99 26.77
C SER A 145 9.22 -7.85 26.19
N GLU A 146 9.37 -6.67 26.80
CA GLU A 146 8.65 -5.50 26.31
C GLU A 146 9.08 -4.97 24.95
N ASP A 147 10.32 -5.20 24.55
CA ASP A 147 10.81 -4.72 23.27
C ASP A 147 10.66 -5.68 22.10
N ASP A 148 10.21 -6.89 22.33
CA ASP A 148 10.16 -7.88 21.26
C ASP A 148 8.77 -7.79 20.66
N TYR A 149 8.60 -6.91 19.68
CA TYR A 149 7.33 -6.82 18.98
C TYR A 149 7.56 -6.26 17.59
N ILE A 150 6.55 -6.44 16.74
CA ILE A 150 6.55 -5.92 15.39
C ILE A 150 5.56 -4.77 15.35
N GLU A 151 6.02 -3.63 14.82
CA GLU A 151 5.23 -2.41 14.86
C GLU A 151 4.44 -2.25 13.57
N GLY A 152 3.15 -2.01 13.74
CA GLY A 152 2.29 -1.58 12.66
C GLY A 152 1.47 -0.40 13.12
N MET A 153 0.29 -0.28 12.55
CA MET A 153 -0.66 0.72 12.99
C MET A 153 -2.05 0.14 12.82
N THR A 154 -3.03 0.81 13.44
CA THR A 154 -4.39 0.30 13.38
C THR A 154 -5.36 1.45 13.38
N PHE A 155 -6.54 1.21 12.78
CA PHE A 155 -7.56 2.23 12.77
C PHE A 155 -8.90 1.53 12.78
N TYR A 156 -9.91 2.27 13.20
CA TYR A 156 -11.25 1.74 13.29
C TYR A 156 -12.03 2.15 12.04
N VAL A 157 -12.93 1.27 11.60
CA VAL A 157 -13.82 1.58 10.48
C VAL A 157 -15.23 1.66 11.04
N PRO A 158 -15.75 2.86 11.31
CA PRO A 158 -17.06 2.95 11.99
C PRO A 158 -18.22 2.34 11.22
N SER A 159 -18.20 2.38 9.89
CA SER A 159 -19.33 1.84 9.14
C SER A 159 -19.35 0.33 9.15
N GLU A 160 -18.29 -0.32 9.61
CA GLU A 160 -18.20 -1.77 9.58
C GLU A 160 -17.90 -2.38 10.94
N ASP A 161 -17.81 -1.57 11.99
CA ASP A 161 -17.49 -2.01 13.36
C ASP A 161 -16.37 -3.04 13.35
N ARG A 162 -15.20 -2.61 12.85
CA ARG A 162 -14.02 -3.47 12.86
C ARG A 162 -12.76 -2.64 12.85
N TRP A 163 -11.66 -3.26 13.30
CA TRP A 163 -10.32 -2.66 13.31
C TRP A 163 -9.50 -3.24 12.17
N VAL A 164 -8.68 -2.39 11.55
CA VAL A 164 -7.74 -2.78 10.51
C VAL A 164 -6.33 -2.61 11.04
N VAL A 165 -5.47 -3.58 10.78
CA VAL A 165 -4.05 -3.50 11.11
C VAL A 165 -3.25 -3.53 9.82
N ASN A 166 -2.40 -2.53 9.63
CA ASN A 166 -1.52 -2.42 8.48
C ASN A 166 -0.10 -2.28 8.98
N TYR A 167 0.85 -2.53 8.07
CA TYR A 167 2.28 -2.47 8.36
C TYR A 167 2.96 -1.67 7.24
N PRO A 168 2.55 -0.41 7.04
CA PRO A 168 3.09 0.34 5.88
C PRO A 168 4.57 0.56 5.94
N LYS A 169 5.15 0.72 7.13
CA LYS A 169 6.60 0.94 7.19
C LYS A 169 7.32 -0.30 6.71
N LEU A 170 6.81 -1.48 7.08
CA LEU A 170 7.42 -2.73 6.65
C LEU A 170 7.19 -2.98 5.16
N HIS A 171 6.00 -2.64 4.65
CA HIS A 171 5.76 -2.69 3.21
C HIS A 171 6.82 -1.89 2.46
N TYR A 172 7.07 -0.66 2.91
CA TYR A 172 8.07 0.18 2.25
C TYR A 172 9.47 -0.41 2.38
N GLU A 173 9.85 -0.77 3.59
CA GLU A 173 11.20 -1.28 3.83
C GLU A 173 11.48 -2.52 2.98
N ASN A 174 10.53 -3.43 2.91
CA ASN A 174 10.75 -4.69 2.19
C ASN A 174 10.75 -4.47 0.69
N GLY A 175 9.91 -3.56 0.19
CA GLY A 175 9.95 -3.26 -1.23
C GLY A 175 11.26 -2.60 -1.64
N ALA A 176 11.77 -1.70 -0.80
CA ALA A 176 13.07 -1.10 -1.08
C ALA A 176 14.18 -2.14 -1.04
N ALA A 177 14.13 -3.07 -0.09
CA ALA A 177 15.15 -4.11 -0.02
C ALA A 177 15.13 -4.99 -1.27
N LYS A 178 13.93 -5.39 -1.71
CA LYS A 178 13.86 -6.19 -2.93
C LYS A 178 14.35 -5.39 -4.14
N ASN A 179 14.05 -4.09 -4.16
CA ASN A 179 14.53 -3.25 -5.26
C ASN A 179 16.05 -3.18 -5.25
N GLN A 180 16.64 -3.08 -4.06
CA GLN A 180 18.10 -3.09 -3.98
C GLN A 180 18.66 -4.40 -4.50
N GLN A 181 18.02 -5.52 -4.13
CA GLN A 181 18.56 -6.83 -4.46
C GLN A 181 18.28 -7.26 -5.89
N THR A 182 17.35 -6.59 -6.58
CA THR A 182 17.15 -6.87 -8.00
C THR A 182 17.83 -5.83 -8.87
N ASN A 183 18.85 -5.14 -8.33
CA ASN A 183 19.54 -4.09 -9.08
C ASN A 183 18.56 -3.11 -9.68
N GLU A 184 17.53 -2.79 -8.90
CA GLU A 184 16.56 -1.74 -9.17
C GLU A 184 15.59 -2.10 -10.29
N TRP A 185 15.38 -3.39 -10.56
CA TRP A 185 14.41 -3.79 -11.56
C TRP A 185 13.02 -3.99 -10.97
N TYR A 186 12.90 -4.19 -9.65
CA TYR A 186 11.63 -4.55 -9.05
C TYR A 186 10.59 -3.45 -9.23
N LYS A 187 10.94 -2.21 -8.87
CA LYS A 187 9.94 -1.14 -8.93
C LYS A 187 9.58 -0.81 -10.38
N PRO A 188 10.53 -0.70 -11.31
CA PRO A 188 10.12 -0.51 -12.71
C PRO A 188 9.24 -1.64 -13.22
N THR A 189 9.45 -2.87 -12.73
CA THR A 189 8.63 -3.99 -13.15
C THR A 189 7.21 -3.87 -12.61
N ILE A 190 7.06 -3.43 -11.36
CA ILE A 190 5.73 -3.15 -10.83
C ILE A 190 5.00 -2.15 -11.72
N ARG A 191 5.67 -1.06 -12.08
CA ARG A 191 5.04 -0.02 -12.88
C ARG A 191 4.69 -0.54 -14.28
N MET A 192 5.58 -1.34 -14.87
CA MET A 192 5.30 -1.97 -16.16
C MET A 192 4.00 -2.76 -16.11
N PHE A 193 3.85 -3.61 -15.09
CA PHE A 193 2.63 -4.41 -14.99
C PHE A 193 1.42 -3.55 -14.65
N LYS A 194 1.60 -2.52 -13.82
CA LYS A 194 0.52 -1.59 -13.55
C LYS A 194 0.04 -0.91 -14.83
N ASN A 195 0.99 -0.42 -15.65
CA ASN A 195 0.61 0.21 -16.91
C ASN A 195 0.03 -0.80 -17.91
N ALA A 196 0.54 -2.05 -17.93
CA ALA A 196 -0.05 -3.08 -18.78
C ALA A 196 -1.49 -3.35 -18.37
N ARG A 197 -1.71 -3.51 -17.05
CA ARG A 197 -3.05 -3.67 -16.51
C ARG A 197 -3.94 -2.50 -16.92
N THR A 198 -3.46 -1.27 -16.69
CA THR A 198 -4.29 -0.11 -16.95
C THR A 198 -4.56 0.06 -18.43
N TYR A 199 -3.57 -0.28 -19.27
CA TYR A 199 -3.79 -0.30 -20.70
C TYR A 199 -4.94 -1.23 -21.04
N LEU A 200 -5.01 -2.41 -20.38
CA LEU A 200 -6.08 -3.36 -20.66
C LEU A 200 -7.40 -2.86 -20.10
N ILE A 201 -7.40 -2.24 -18.91
CA ILE A 201 -8.63 -1.69 -18.36
C ILE A 201 -9.18 -0.60 -19.27
N GLU A 202 -8.30 0.23 -19.84
CA GLU A 202 -8.75 1.27 -20.75
C GLU A 202 -9.44 0.70 -21.99
N GLN A 203 -9.10 -0.52 -22.38
CA GLN A 203 -9.72 -1.14 -23.54
C GLN A 203 -10.94 -1.95 -23.19
N GLY A 204 -11.33 -2.02 -21.92
CA GLY A 204 -12.54 -2.72 -21.53
C GLY A 204 -12.34 -3.87 -20.57
N ALA A 205 -11.11 -4.16 -20.13
CA ALA A 205 -10.86 -5.22 -19.18
C ALA A 205 -11.47 -4.87 -17.80
N PRO A 206 -11.64 -5.87 -16.92
CA PRO A 206 -12.33 -5.60 -15.65
C PRO A 206 -11.62 -4.51 -14.84
N GLN A 207 -12.41 -3.63 -14.24
CA GLN A 207 -11.88 -2.54 -13.42
C GLN A 207 -10.98 -3.06 -12.30
N ASP A 208 -11.30 -4.23 -11.73
CA ASP A 208 -10.53 -4.79 -10.61
C ASP A 208 -9.56 -5.86 -11.09
N LEU A 209 -9.05 -5.71 -12.31
CA LEU A 209 -8.14 -6.70 -12.88
C LEU A 209 -6.92 -6.94 -12.00
N ALA A 210 -6.34 -5.87 -11.44
CA ALA A 210 -5.24 -6.07 -10.50
C ALA A 210 -5.09 -4.82 -9.64
N PRO A 211 -5.82 -4.75 -8.53
CA PRO A 211 -5.68 -3.58 -7.65
C PRO A 211 -4.21 -3.41 -7.27
N SER A 212 -3.78 -2.15 -7.25
CA SER A 212 -2.35 -1.84 -7.20
C SER A 212 -1.67 -2.52 -6.03
N TYR A 213 -2.28 -2.44 -4.85
CA TYR A 213 -1.66 -3.01 -3.67
C TYR A 213 -1.48 -4.52 -3.81
N PHE A 214 -2.52 -5.21 -4.29
CA PHE A 214 -2.43 -6.65 -4.49
C PHE A 214 -1.39 -6.98 -5.55
N LEU A 215 -1.26 -6.14 -6.57
CA LEU A 215 -0.27 -6.42 -7.61
C LEU A 215 1.15 -6.29 -7.08
N GLU A 216 1.43 -5.29 -6.24
CA GLU A 216 2.74 -5.21 -5.61
C GLU A 216 3.02 -6.45 -4.77
N CYS A 217 2.03 -6.86 -3.97
CA CYS A 217 2.21 -8.03 -3.12
C CYS A 217 2.45 -9.28 -3.96
N LEU A 218 1.72 -9.42 -5.07
CA LEU A 218 1.91 -10.59 -5.92
C LEU A 218 3.34 -10.64 -6.44
N LEU A 219 3.84 -9.51 -6.94
CA LEU A 219 5.18 -9.46 -7.48
C LEU A 219 6.23 -9.59 -6.39
N TYR A 220 5.92 -9.16 -5.17
CA TYR A 220 6.90 -9.31 -4.08
C TYR A 220 7.29 -10.76 -3.86
N ASN A 221 6.38 -11.70 -4.13
CA ASN A 221 6.64 -13.12 -3.90
C ASN A 221 7.45 -13.76 -5.01
N VAL A 222 7.71 -13.06 -6.11
CA VAL A 222 8.44 -13.63 -7.24
C VAL A 222 9.92 -13.58 -6.92
N PRO A 223 10.67 -14.65 -7.17
CA PRO A 223 12.10 -14.63 -6.89
C PRO A 223 12.82 -13.49 -7.59
N ASP A 224 13.84 -12.96 -6.92
CA ASP A 224 14.58 -11.84 -7.47
C ASP A 224 15.20 -12.16 -8.82
N SER A 225 15.55 -13.43 -9.05
CA SER A 225 16.19 -13.82 -10.30
C SER A 225 15.32 -13.57 -11.51
N LYS A 226 14.01 -13.40 -11.32
CA LYS A 226 13.16 -13.19 -12.46
C LYS A 226 13.19 -11.77 -12.97
N PHE A 227 13.75 -10.84 -12.20
CA PHE A 227 13.77 -9.42 -12.49
C PHE A 227 15.15 -9.04 -13.01
N GLY A 228 15.24 -8.59 -14.26
CA GLY A 228 16.51 -8.14 -14.78
C GLY A 228 16.67 -8.44 -16.26
N GLY A 229 17.81 -7.99 -16.79
CA GLY A 229 18.16 -8.25 -18.18
C GLY A 229 17.48 -7.27 -19.12
N THR A 230 16.23 -7.58 -19.46
CA THR A 230 15.40 -6.70 -20.26
C THR A 230 14.00 -6.78 -19.67
N PHE A 231 13.14 -5.84 -20.07
CA PHE A 231 11.76 -5.89 -19.63
C PHE A 231 11.02 -7.06 -20.26
N LYS A 232 11.39 -7.45 -21.48
CA LYS A 232 10.76 -8.61 -22.13
C LYS A 232 11.08 -9.88 -21.36
N ASP A 233 12.34 -10.05 -20.98
CA ASP A 233 12.73 -11.23 -20.20
C ASP A 233 12.09 -11.20 -18.83
N THR A 234 11.97 -10.00 -18.25
CA THR A 234 11.33 -9.89 -16.95
C THR A 234 9.85 -10.19 -17.03
N PHE A 235 9.17 -9.62 -18.03
CA PHE A 235 7.75 -9.89 -18.19
C PHE A 235 7.47 -11.39 -18.22
N CYS A 236 8.21 -12.13 -19.06
CA CYS A 236 7.94 -13.55 -19.25
C CYS A 236 8.40 -14.38 -18.07
N SER A 237 9.58 -14.05 -17.52
CA SER A 237 10.07 -14.84 -16.40
C SER A 237 9.15 -14.69 -15.19
N VAL A 238 8.66 -13.48 -14.96
CA VAL A 238 7.76 -13.26 -13.83
C VAL A 238 6.46 -14.00 -14.05
N ILE A 239 5.86 -13.83 -15.22
CA ILE A 239 4.55 -14.40 -15.49
C ILE A 239 4.63 -15.91 -15.57
N ASN A 240 5.69 -16.45 -16.16
CA ASN A 240 5.78 -17.89 -16.25
C ASN A 240 5.98 -18.52 -14.87
N TRP A 241 6.73 -17.84 -13.99
CA TRP A 241 6.90 -18.36 -12.63
C TRP A 241 5.61 -18.30 -11.85
N LEU A 242 4.87 -17.19 -11.97
CA LEU A 242 3.60 -17.05 -11.26
C LEU A 242 2.60 -18.10 -11.70
N LYS A 243 2.60 -18.46 -12.98
CA LYS A 243 1.65 -19.48 -13.47
C LYS A 243 1.89 -20.83 -12.82
N ARG A 244 3.13 -21.12 -12.42
CA ARG A 244 3.53 -22.39 -11.83
C ARG A 244 3.63 -22.34 -10.31
N ALA A 245 3.40 -21.19 -9.69
CA ALA A 245 3.66 -21.04 -8.28
C ALA A 245 2.46 -21.47 -7.46
N ASP A 246 2.70 -21.80 -6.19
CA ASP A 246 1.64 -22.04 -5.23
C ASP A 246 1.29 -20.71 -4.60
N LEU A 247 0.16 -20.14 -5.04
CA LEU A 247 -0.20 -18.80 -4.58
C LEU A 247 -0.64 -18.82 -3.13
N SER A 248 -1.02 -19.99 -2.63
CA SER A 248 -1.78 -20.06 -1.39
C SER A 248 -0.96 -19.51 -0.24
N LYS A 249 0.38 -19.65 -0.32
CA LYS A 249 1.27 -19.20 0.74
C LYS A 249 1.91 -17.85 0.45
N PHE A 250 1.42 -17.11 -0.53
CA PHE A 250 1.99 -15.78 -0.78
C PHE A 250 1.76 -14.84 0.40
N ARG A 251 2.78 -14.05 0.69
CA ARG A 251 2.73 -13.03 1.73
C ARG A 251 2.71 -11.65 1.11
N CYS A 252 2.09 -10.73 1.82
CA CYS A 252 2.12 -9.34 1.42
C CYS A 252 3.55 -8.82 1.54
N GLN A 253 3.79 -7.71 0.87
CA GLN A 253 5.11 -7.10 0.89
C GLN A 253 5.52 -6.74 2.31
N ASN A 254 4.55 -6.48 3.22
CA ASN A 254 4.90 -6.16 4.60
C ASN A 254 5.50 -7.34 5.36
N GLY A 255 5.48 -8.54 4.78
CA GLY A 255 6.03 -9.73 5.38
C GLY A 255 5.23 -10.36 6.50
N GLN A 256 4.06 -9.81 6.84
CA GLN A 256 3.27 -10.27 7.98
C GLN A 256 2.00 -10.99 7.59
N ASP A 257 1.29 -10.52 6.59
CA ASP A 257 -0.04 -11.00 6.27
C ASP A 257 -0.02 -11.95 5.08
N ASP A 258 -1.02 -12.81 5.03
CA ASP A 258 -1.27 -13.58 3.85
C ASP A 258 -1.96 -12.72 2.83
N LEU A 259 -1.54 -12.88 1.56
CA LEU A 259 -2.13 -12.13 0.48
C LEU A 259 -3.52 -12.64 0.12
N PHE A 260 -3.75 -13.94 0.22
CA PHE A 260 -5.01 -14.51 -0.24
C PHE A 260 -5.77 -15.05 0.97
N GLY A 261 -7.07 -14.77 1.01
CA GLY A 261 -7.86 -15.23 2.13
C GLY A 261 -9.26 -14.64 2.07
N GLU A 262 -10.01 -14.93 3.13
CA GLU A 262 -11.42 -14.58 3.30
C GLU A 262 -11.65 -13.20 3.91
N PHE A 263 -10.62 -12.56 4.47
CA PHE A 263 -10.78 -11.26 5.11
C PHE A 263 -10.87 -10.17 4.04
N PRO A 264 -11.50 -9.02 4.36
CA PRO A 264 -11.62 -7.97 3.32
C PRO A 264 -10.36 -7.27 2.87
N GLU A 265 -9.30 -7.24 3.66
CA GLU A 265 -7.97 -6.82 3.21
C GLU A 265 -7.28 -7.79 2.26
N GLN A 266 -7.80 -9.01 2.03
CA GLN A 266 -7.02 -9.93 1.20
C GLN A 266 -7.66 -10.14 -0.16
N TRP A 267 -6.80 -10.63 -1.06
CA TRP A 267 -7.18 -10.97 -2.43
C TRP A 267 -7.68 -12.40 -2.51
N SER A 268 -7.89 -12.87 -3.73
CA SER A 268 -8.22 -14.27 -3.98
C SER A 268 -7.33 -14.83 -5.08
N GLU A 269 -7.02 -16.11 -4.96
CA GLU A 269 -6.19 -16.80 -5.95
C GLU A 269 -6.82 -16.74 -7.32
N GLU A 270 -8.15 -16.84 -7.41
CA GLU A 270 -8.80 -16.83 -8.71
C GLU A 270 -8.63 -15.48 -9.40
N LYS A 271 -8.68 -14.39 -8.63
CA LYS A 271 -8.46 -13.07 -9.21
C LYS A 271 -7.01 -12.92 -9.67
N ALA A 272 -6.08 -13.46 -8.88
CA ALA A 272 -4.68 -13.44 -9.28
C ALA A 272 -4.47 -14.24 -10.56
N ARG A 273 -5.08 -15.42 -10.67
CA ARG A 273 -4.97 -16.21 -11.89
C ARG A 273 -5.56 -15.49 -13.09
N ARG A 274 -6.65 -14.75 -12.88
CA ARG A 274 -7.24 -13.99 -13.98
C ARG A 274 -6.25 -12.93 -14.49
N PHE A 275 -5.59 -12.22 -13.57
CA PHE A 275 -4.58 -11.24 -13.97
C PHE A 275 -3.50 -11.89 -14.81
N LEU A 276 -3.06 -13.10 -14.42
CA LEU A 276 -2.01 -13.78 -15.19
C LEU A 276 -2.50 -14.14 -16.58
N ARG A 277 -3.76 -14.59 -16.70
CA ARG A 277 -4.32 -14.89 -18.01
C ARG A 277 -4.34 -13.66 -18.92
N TYR A 278 -4.68 -12.48 -18.37
CA TYR A 278 -4.73 -11.28 -19.21
C TYR A 278 -3.34 -10.85 -19.64
N MET A 279 -2.33 -11.02 -18.79
CA MET A 279 -0.95 -10.71 -19.18
C MET A 279 -0.45 -11.67 -20.25
N ASP A 280 -0.78 -12.95 -20.11
CA ASP A 280 -0.48 -13.94 -21.13
C ASP A 280 -1.09 -13.55 -22.47
N ASP A 281 -2.38 -13.20 -22.47
CA ASP A 281 -3.09 -12.86 -23.70
C ASP A 281 -2.51 -11.59 -24.31
N LEU A 282 -2.20 -10.61 -23.45
CA LEU A 282 -1.57 -9.37 -23.90
C LEU A 282 -0.28 -9.66 -24.63
N TRP A 283 0.54 -10.55 -24.05
CA TRP A 283 1.83 -10.90 -24.64
C TRP A 283 1.67 -11.64 -25.97
N THR A 284 0.91 -12.74 -25.99
CA THR A 284 0.80 -13.54 -27.21
C THR A 284 0.00 -12.83 -28.29
N GLY A 285 -0.93 -11.97 -27.89
CA GLY A 285 -1.85 -11.23 -28.75
C GLY A 285 -1.29 -10.01 -29.47
N TRP A 286 -0.15 -9.46 -29.03
CA TRP A 286 0.34 -8.18 -29.55
C TRP A 286 0.80 -8.22 -31.00
N GLY A 287 1.54 -9.23 -31.38
CA GLY A 287 2.03 -9.27 -32.75
C GLY A 287 1.22 -10.13 -33.68
N GLN A 288 0.05 -10.66 -33.26
CA GLN A 288 -0.68 -11.61 -34.10
C GLN A 288 -1.83 -11.08 -34.94
N GLY A 289 -1.91 -11.63 -36.15
CA GLY A 289 -2.99 -11.37 -37.06
C GLY A 289 -4.11 -12.36 -36.87
N SER A 290 -5.31 -11.91 -37.19
CA SER A 290 -6.53 -12.70 -37.10
C SER A 290 -7.33 -12.60 -38.38
N HIS A 291 -8.33 -13.46 -38.49
CA HIS A 291 -9.35 -13.29 -39.52
C HIS A 291 -10.58 -14.01 -39.01
N HIS A 292 -11.74 -13.71 -39.59
CA HIS A 292 -12.94 -14.41 -39.16
C HIS A 292 -12.87 -15.87 -39.59
N HIS A 293 -13.49 -16.74 -38.80
CA HIS A 293 -13.39 -18.18 -39.06
C HIS A 293 -14.11 -18.48 -40.39
MG MG B . -2.29 5.14 -4.00
PG APC C . -1.96 3.49 -6.97
O1G APC C . -0.74 4.07 -7.64
O2G APC C . -2.97 2.96 -7.97
O3G APC C . -2.60 4.53 -6.08
PB APC C . -1.10 2.25 -4.47
O1B APC C . -1.08 3.69 -4.00
O2B APC C . 0.27 1.65 -4.32
O3B APC C . -1.44 2.24 -6.06
PA APC C . -3.75 2.26 -2.91
O1A APC C . -3.67 3.70 -3.38
O2A APC C . -5.12 1.68 -3.19
C3A APC C . -2.39 1.23 -3.63
O5' APC C . -3.52 2.26 -1.27
C5' APC C . -2.38 2.91 -0.84
C4' APC C . -1.81 2.21 0.42
O4' APC C . -2.77 1.95 1.27
C3' APC C . -1.20 0.83 0.06
O3' APC C . 0.10 0.91 -0.42
C2' APC C . -1.25 0.16 1.46
O2' APC C . -0.07 0.69 2.25
C1' APC C . -2.40 0.54 1.96
N9 APC C . -3.43 -0.36 1.49
C8 APC C . -4.31 -0.24 0.50
N7 APC C . -5.03 -1.36 0.45
C5 APC C . -4.60 -2.17 1.43
C6 APC C . -5.01 -3.43 1.79
N6 APC C . -6.03 -4.32 1.28
N1 APC C . -4.42 -4.04 2.81
C2 APC C . -3.40 -3.43 3.47
N3 APC C . -2.99 -2.19 3.11
C4 APC C . -3.60 -1.56 2.08
PA 2KH D . -10.60 1.60 -0.18
O1A 2KH D . -10.87 2.34 -1.49
O2A 2KH D . -10.09 0.21 -0.47
N3A 2KH D . -12.01 1.48 0.76
O5' 2KH D . -9.47 2.42 0.72
PB 2KH D . -13.31 2.56 0.49
O1B 2KH D . -14.62 1.81 0.66
O2B 2KH D . -13.22 3.16 -0.91
O3B 2KH D . -13.23 3.75 1.63
PG 2KH D . -12.95 5.38 1.37
O1G 2KH D . -14.27 6.14 1.44
O2G 2KH D . -12.33 5.54 0.00
O3G 2KH D . -12.01 5.88 2.46
C5' 2KH D . -9.49 3.82 0.76
C4' 2KH D . -8.14 4.32 1.27
O4' 2KH D . -7.93 3.82 2.46
C1' 2KH D . -6.36 3.49 2.59
C2' 2KH D . -5.81 3.67 1.35
O2' 2KH D . -5.02 4.94 1.29
C3' 2KH D . -6.99 3.73 0.38
O3' 2KH D . -6.72 4.54 -0.67
N1 2KH D . -6.23 2.18 3.13
C6 2KH D . -7.22 1.17 2.77
C2 2KH D . -5.14 1.82 4.08
O2 2KH D . -4.33 2.62 4.41
N3 2KH D . -5.06 0.43 4.64
C4 2KH D . -6.04 -0.59 4.28
O4 2KH D . -5.97 -1.68 4.72
C5 2KH D . -7.14 -0.23 3.33
#